data_1WTU
#
_entry.id   1WTU
#
_cell.length_a   1.000
_cell.length_b   1.000
_cell.length_c   1.000
_cell.angle_alpha   90.00
_cell.angle_beta   90.00
_cell.angle_gamma   90.00
#
_symmetry.space_group_name_H-M   'P 1'
#
_entity_poly.entity_id   1
_entity_poly.type   'polypeptide(L)'
_entity_poly.pdbx_seq_one_letter_code
;MNKTELIKAIAQDTELTQVSVSKMLASFEKITTETVAKGDKVQLTGFLNIKPVARQARKGFNPQTQEALEIAPSVGVSVK
PGESLKKAAEGLKYEDFAK
;
_entity_poly.pdbx_strand_id   A,B
#
# COMPACT_ATOMS: atom_id res chain seq x y z
N MET A 1 -4.46 -14.54 -7.49
CA MET A 1 -3.11 -13.98 -7.79
C MET A 1 -3.25 -12.77 -8.72
N ASN A 2 -3.05 -11.59 -8.17
CA ASN A 2 -3.11 -10.33 -8.97
C ASN A 2 -4.53 -10.12 -9.54
N LYS A 3 -4.79 -10.62 -10.73
CA LYS A 3 -6.11 -10.42 -11.42
C LYS A 3 -7.22 -11.17 -10.68
N THR A 4 -7.08 -12.47 -10.58
CA THR A 4 -8.13 -13.33 -9.93
C THR A 4 -8.43 -12.83 -8.52
N GLU A 5 -7.41 -12.48 -7.78
CA GLU A 5 -7.55 -11.96 -6.40
C GLU A 5 -8.50 -10.77 -6.38
N LEU A 6 -8.10 -9.66 -6.96
CA LEU A 6 -8.94 -8.43 -6.94
C LEU A 6 -10.27 -8.69 -7.65
N ILE A 7 -10.25 -8.91 -8.95
CA ILE A 7 -11.51 -9.07 -9.78
C ILE A 7 -12.61 -9.85 -9.01
N LYS A 8 -12.36 -11.08 -8.64
CA LYS A 8 -13.36 -11.90 -7.88
C LYS A 8 -13.57 -11.33 -6.47
N ALA A 9 -12.54 -11.38 -5.66
CA ALA A 9 -12.63 -10.99 -4.22
C ALA A 9 -13.40 -9.69 -4.01
N ILE A 10 -12.85 -8.59 -4.45
CA ILE A 10 -13.47 -7.25 -4.23
C ILE A 10 -14.79 -7.12 -5.00
N ALA A 11 -14.97 -7.87 -6.08
CA ALA A 11 -16.28 -7.84 -6.83
C ALA A 11 -17.42 -8.36 -5.95
N GLN A 12 -17.11 -9.17 -4.97
CA GLN A 12 -18.16 -9.74 -4.05
C GLN A 12 -19.14 -8.66 -3.56
N ASP A 13 -18.65 -7.47 -3.25
CA ASP A 13 -19.54 -6.34 -2.82
C ASP A 13 -19.56 -5.28 -3.93
N THR A 14 -18.53 -4.45 -3.98
CA THR A 14 -18.31 -3.53 -5.15
C THR A 14 -17.84 -4.40 -6.33
N GLU A 15 -17.41 -3.80 -7.42
CA GLU A 15 -16.80 -4.57 -8.55
C GLU A 15 -17.70 -5.74 -8.97
N LEU A 16 -18.97 -5.64 -8.68
CA LEU A 16 -20.07 -6.58 -9.06
C LEU A 16 -19.65 -7.71 -10.01
N THR A 17 -19.19 -7.33 -11.19
CA THR A 17 -18.77 -8.32 -12.23
C THR A 17 -17.47 -7.86 -12.88
N GLN A 18 -17.11 -8.50 -13.97
CA GLN A 18 -15.83 -8.24 -14.70
C GLN A 18 -15.69 -6.77 -15.08
N VAL A 19 -16.72 -6.15 -15.59
CA VAL A 19 -16.65 -4.72 -16.04
C VAL A 19 -16.19 -3.83 -14.88
N SER A 20 -16.96 -3.85 -13.82
CA SER A 20 -16.68 -3.05 -12.59
C SER A 20 -15.23 -3.23 -12.11
N VAL A 21 -14.85 -4.38 -11.58
CA VAL A 21 -13.45 -4.56 -11.02
C VAL A 21 -12.42 -4.22 -12.09
N SER A 22 -12.63 -4.76 -13.26
CA SER A 22 -11.64 -4.60 -14.38
C SER A 22 -11.25 -3.12 -14.53
N LYS A 23 -12.22 -2.23 -14.42
CA LYS A 23 -11.94 -0.77 -14.38
C LYS A 23 -11.04 -0.47 -13.19
N MET A 24 -11.35 -1.07 -12.06
CA MET A 24 -10.64 -0.80 -10.78
C MET A 24 -9.18 -1.26 -10.83
N LEU A 25 -8.86 -2.21 -11.69
CA LEU A 25 -7.46 -2.75 -11.80
C LEU A 25 -6.64 -1.81 -12.69
N ALA A 26 -7.06 -1.69 -13.92
CA ALA A 26 -6.43 -0.74 -14.89
C ALA A 26 -6.43 0.67 -14.31
N SER A 27 -7.32 0.94 -13.37
CA SER A 27 -7.42 2.29 -12.75
C SER A 27 -6.46 2.40 -11.56
N PHE A 28 -6.21 1.33 -10.83
CA PHE A 28 -5.21 1.38 -9.72
C PHE A 28 -3.83 1.67 -10.31
N GLU A 29 -3.62 1.34 -11.56
CA GLU A 29 -2.39 1.80 -12.28
C GLU A 29 -2.47 3.34 -12.32
N LYS A 30 -3.64 3.83 -12.68
CA LYS A 30 -3.91 5.30 -12.74
C LYS A 30 -4.19 5.90 -11.35
N ILE A 31 -4.24 5.10 -10.30
CA ILE A 31 -4.49 5.65 -8.93
C ILE A 31 -3.15 6.10 -8.37
N THR A 32 -2.16 5.25 -8.49
CA THR A 32 -0.84 5.56 -7.88
C THR A 32 -0.04 6.49 -8.80
N THR A 33 0.21 6.11 -10.04
CA THR A 33 1.10 6.87 -10.99
C THR A 33 1.18 8.38 -10.68
N GLU A 34 0.03 9.01 -10.57
CA GLU A 34 -0.06 10.43 -10.16
C GLU A 34 0.66 10.61 -8.82
N THR A 35 0.15 9.97 -7.79
CA THR A 35 0.77 10.05 -6.44
C THR A 35 2.20 9.54 -6.47
N VAL A 36 2.47 8.25 -6.53
CA VAL A 36 3.86 7.69 -6.38
C VAL A 36 4.92 8.58 -7.05
N ALA A 37 4.74 8.86 -8.32
CA ALA A 37 5.62 9.81 -9.06
C ALA A 37 5.88 11.11 -8.29
N LYS A 38 4.90 11.97 -8.24
CA LYS A 38 5.06 13.33 -7.62
C LYS A 38 4.50 13.36 -6.19
N GLY A 39 3.32 12.83 -6.02
CA GLY A 39 2.58 12.89 -4.71
C GLY A 39 2.87 11.67 -3.81
N ASP A 40 3.84 10.83 -4.13
CA ASP A 40 4.12 9.56 -3.39
C ASP A 40 3.69 9.58 -1.92
N LYS A 41 4.18 10.56 -1.20
CA LYS A 41 3.69 10.86 0.18
C LYS A 41 2.15 10.78 0.25
N VAL A 42 1.60 9.74 0.84
CA VAL A 42 0.11 9.59 0.83
C VAL A 42 -0.37 8.55 1.85
N GLN A 43 -1.66 8.59 2.13
CA GLN A 43 -2.33 7.54 2.97
C GLN A 43 -3.54 7.06 2.16
N LEU A 44 -3.83 5.77 2.20
CA LEU A 44 -4.95 5.19 1.38
C LEU A 44 -6.02 4.64 2.31
N THR A 45 -6.91 5.50 2.74
CA THR A 45 -8.10 5.15 3.59
C THR A 45 -7.81 4.00 4.57
N GLY A 46 -6.73 4.14 5.31
CA GLY A 46 -6.33 3.12 6.33
C GLY A 46 -6.12 1.77 5.64
N PHE A 47 -5.36 1.79 4.56
CA PHE A 47 -5.01 0.54 3.82
C PHE A 47 -3.52 0.62 3.46
N LEU A 48 -3.16 1.73 2.87
CA LEU A 48 -1.80 1.86 2.23
C LEU A 48 -1.19 3.26 2.45
N ASN A 49 -0.18 3.38 3.30
CA ASN A 49 0.55 4.67 3.49
C ASN A 49 1.83 4.62 2.66
N ILE A 50 1.87 5.36 1.57
CA ILE A 50 3.02 5.31 0.61
C ILE A 50 4.14 6.29 1.01
N LYS A 51 5.37 5.88 0.75
CA LYS A 51 6.57 6.73 1.04
C LYS A 51 7.75 6.14 0.24
N PRO A 52 8.18 6.84 -0.80
CA PRO A 52 9.19 6.27 -1.74
C PRO A 52 10.60 6.28 -1.15
N VAL A 53 11.47 5.50 -1.73
CA VAL A 53 12.92 5.51 -1.36
C VAL A 53 13.76 5.53 -2.64
N ALA A 54 14.01 6.70 -3.22
CA ALA A 54 14.74 6.77 -4.49
C ALA A 54 16.18 6.33 -4.29
N ARG A 55 16.61 5.52 -5.22
CA ARG A 55 18.00 4.93 -5.16
C ARG A 55 18.49 4.30 -6.50
N GLN A 56 19.03 5.11 -7.38
CA GLN A 56 19.78 4.62 -8.58
C GLN A 56 21.06 5.46 -8.71
N ALA A 57 20.91 6.76 -8.66
CA ALA A 57 22.05 7.73 -8.65
C ALA A 57 22.97 7.52 -9.86
N ARG A 58 22.82 8.37 -10.85
CA ARG A 58 23.64 8.28 -12.10
C ARG A 58 23.18 9.37 -13.09
N LYS A 59 23.89 10.48 -13.12
CA LYS A 59 23.60 11.57 -14.10
C LYS A 59 24.12 11.14 -15.47
N GLY A 60 25.32 11.49 -15.85
CA GLY A 60 25.92 11.03 -17.16
C GLY A 60 27.15 11.88 -17.46
N PHE A 61 28.24 11.59 -16.78
CA PHE A 61 29.47 12.45 -16.92
C PHE A 61 30.02 12.39 -18.34
N ASN A 62 29.99 11.23 -18.92
CA ASN A 62 30.66 10.89 -20.22
C ASN A 62 30.72 9.36 -20.34
N PRO A 63 31.14 8.86 -21.49
CA PRO A 63 31.32 7.39 -21.66
C PRO A 63 32.70 7.08 -21.08
N GLN A 64 32.78 6.99 -19.77
CA GLN A 64 34.11 6.83 -19.11
C GLN A 64 34.08 6.22 -17.72
N THR A 65 33.78 7.00 -16.70
CA THR A 65 33.59 6.44 -15.33
C THR A 65 32.53 5.31 -15.41
N GLN A 66 31.70 5.33 -16.46
CA GLN A 66 30.51 4.48 -16.72
C GLN A 66 29.23 5.30 -17.12
N GLU A 67 29.37 6.44 -17.76
CA GLU A 67 28.20 7.36 -18.03
C GLU A 67 27.28 7.45 -16.80
N ALA A 68 27.58 8.34 -15.87
CA ALA A 68 26.80 8.42 -14.58
C ALA A 68 27.15 9.60 -13.68
N LEU A 69 28.12 9.51 -12.79
CA LEU A 69 28.47 10.64 -11.85
C LEU A 69 27.52 10.73 -10.64
N GLU A 70 26.35 11.32 -10.81
CA GLU A 70 25.54 11.76 -9.61
C GLU A 70 24.13 11.13 -9.53
N ILE A 71 23.06 11.90 -9.70
CA ILE A 71 21.70 11.47 -9.26
C ILE A 71 20.84 11.01 -10.46
N ALA A 72 20.03 9.97 -10.27
CA ALA A 72 19.34 9.27 -11.40
C ALA A 72 17.87 8.95 -11.11
N PRO A 73 17.18 8.32 -12.05
CA PRO A 73 15.78 7.87 -11.77
C PRO A 73 15.90 6.70 -10.79
N SER A 74 15.53 6.89 -9.54
CA SER A 74 15.96 6.04 -8.43
C SER A 74 14.67 5.74 -7.68
N VAL A 75 14.28 4.51 -7.37
CA VAL A 75 13.14 4.26 -6.40
C VAL A 75 12.66 2.81 -6.27
N GLY A 76 12.10 2.60 -5.10
CA GLY A 76 11.34 1.36 -4.77
C GLY A 76 10.36 1.78 -3.66
N VAL A 77 9.09 1.57 -3.88
CA VAL A 77 8.05 2.14 -2.98
C VAL A 77 8.02 1.39 -1.64
N SER A 78 8.11 2.13 -0.56
CA SER A 78 8.04 1.53 0.81
C SER A 78 6.71 1.99 1.42
N VAL A 79 5.98 1.07 2.01
CA VAL A 79 4.61 1.38 2.50
C VAL A 79 4.32 0.68 3.83
N LYS A 80 3.65 1.40 4.70
CA LYS A 80 3.15 0.83 5.98
C LYS A 80 1.62 1.01 5.98
N PRO A 81 0.90 -0.10 6.08
CA PRO A 81 -0.57 0.02 6.25
C PRO A 81 -0.88 0.52 7.65
N GLY A 82 -2.14 0.49 8.04
CA GLY A 82 -2.55 1.13 9.33
C GLY A 82 -3.21 0.17 10.32
N GLU A 83 -3.30 0.64 11.54
CA GLU A 83 -3.99 -0.07 12.66
C GLU A 83 -5.22 -0.89 12.25
N SER A 84 -5.90 -0.60 11.14
CA SER A 84 -7.10 -1.40 10.76
C SER A 84 -6.63 -2.76 10.23
N LEU A 85 -5.71 -2.74 9.30
CA LEU A 85 -5.13 -4.00 8.74
C LEU A 85 -4.52 -4.83 9.88
N LYS A 86 -3.61 -4.23 10.62
CA LYS A 86 -2.96 -4.96 11.74
C LYS A 86 -3.94 -5.23 12.89
N LYS A 87 -5.06 -4.52 12.93
CA LYS A 87 -6.14 -4.84 13.92
C LYS A 87 -6.60 -6.28 13.64
N ALA A 88 -6.65 -6.62 12.37
CA ALA A 88 -6.96 -8.02 11.95
C ALA A 88 -5.77 -8.94 12.31
N ALA A 89 -4.55 -8.48 12.12
CA ALA A 89 -3.31 -9.22 12.54
C ALA A 89 -3.16 -9.34 14.07
N GLU A 90 -4.17 -9.02 14.86
CA GLU A 90 -4.19 -9.35 16.31
C GLU A 90 -4.77 -10.76 16.54
N GLY A 91 -4.98 -11.51 15.49
CA GLY A 91 -5.68 -12.84 15.58
C GLY A 91 -4.75 -14.04 15.36
N LEU A 92 -4.37 -14.28 14.11
CA LEU A 92 -3.69 -15.56 13.71
C LEU A 92 -2.20 -15.42 13.33
N LYS A 93 -1.81 -14.33 12.70
CA LYS A 93 -0.40 -14.02 12.41
C LYS A 93 0.09 -13.44 13.72
N TYR A 94 -0.78 -12.66 14.36
CA TYR A 94 -0.66 -12.26 15.78
C TYR A 94 0.04 -13.37 16.59
N GLU A 95 -0.33 -14.61 16.33
CA GLU A 95 -0.01 -15.76 17.24
C GLU A 95 1.36 -16.37 16.97
N ASP A 96 1.57 -16.78 15.74
CA ASP A 96 2.77 -17.62 15.41
C ASP A 96 3.97 -16.83 14.90
N PHE A 97 3.76 -15.56 14.68
CA PHE A 97 4.88 -14.56 14.65
C PHE A 97 5.81 -14.81 15.89
N ALA A 98 5.21 -15.33 16.96
CA ALA A 98 5.83 -15.44 18.32
C ALA A 98 7.17 -16.16 18.25
N LYS A 99 7.32 -17.00 17.27
CA LYS A 99 8.56 -17.83 17.12
C LYS A 99 9.09 -17.69 15.69
N MET B 1 -7.69 12.87 1.61
CA MET B 1 -6.65 12.25 2.48
C MET B 1 -6.92 10.75 2.62
N ASN B 2 -8.18 10.38 2.76
CA ASN B 2 -8.57 8.95 2.90
C ASN B 2 -9.82 8.68 2.05
N LYS B 3 -10.99 8.97 2.59
CA LYS B 3 -12.28 8.71 1.86
C LYS B 3 -12.36 9.61 0.62
N THR B 4 -11.90 10.84 0.73
CA THR B 4 -11.88 11.77 -0.43
C THR B 4 -10.95 11.19 -1.50
N GLU B 5 -9.78 10.81 -1.08
CA GLU B 5 -8.71 10.29 -1.98
C GLU B 5 -9.22 9.21 -2.94
N LEU B 6 -9.69 8.09 -2.41
CA LEU B 6 -9.93 6.90 -3.26
C LEU B 6 -11.42 6.75 -3.60
N ILE B 7 -12.35 7.28 -2.82
CA ILE B 7 -13.79 7.24 -3.26
C ILE B 7 -13.87 8.12 -4.53
N LYS B 8 -13.25 9.29 -4.51
CA LYS B 8 -13.11 10.12 -5.75
C LYS B 8 -12.28 9.39 -6.82
N ALA B 9 -11.03 9.13 -6.51
CA ALA B 9 -10.06 8.52 -7.50
C ALA B 9 -10.69 7.35 -8.25
N ILE B 10 -10.97 6.29 -7.53
CA ILE B 10 -11.45 5.02 -8.17
C ILE B 10 -12.84 5.21 -8.80
N ALA B 11 -13.62 6.15 -8.32
CA ALA B 11 -14.94 6.44 -8.98
C ALA B 11 -14.70 6.95 -10.40
N GLN B 12 -13.55 7.52 -10.66
CA GLN B 12 -13.17 7.94 -12.04
C GLN B 12 -13.34 6.77 -13.03
N ASP B 13 -13.00 5.56 -12.64
CA ASP B 13 -13.14 4.37 -13.54
C ASP B 13 -14.26 3.45 -13.04
N THR B 14 -14.00 2.61 -12.05
CA THR B 14 -15.11 1.88 -11.35
C THR B 14 -15.81 2.91 -10.46
N GLU B 15 -16.62 2.49 -9.51
CA GLU B 15 -17.16 3.42 -8.47
C GLU B 15 -17.75 4.71 -9.07
N LEU B 16 -18.08 4.67 -10.35
CA LEU B 16 -18.59 5.82 -11.16
C LEU B 16 -19.26 6.93 -10.35
N THR B 17 -20.14 6.56 -9.44
CA THR B 17 -20.93 7.55 -8.66
C THR B 17 -21.02 7.13 -7.19
N GLN B 18 -21.80 7.86 -6.43
CA GLN B 18 -21.92 7.66 -4.96
C GLN B 18 -22.11 6.19 -4.56
N VAL B 19 -23.05 5.50 -5.17
CA VAL B 19 -23.42 4.12 -4.72
C VAL B 19 -22.27 3.12 -4.97
N SER B 20 -21.78 3.02 -6.19
CA SER B 20 -20.65 2.10 -6.52
C SER B 20 -19.46 2.42 -5.62
N VAL B 21 -18.97 3.64 -5.69
CA VAL B 21 -17.78 4.07 -4.91
C VAL B 21 -17.88 3.73 -3.42
N SER B 22 -19.00 4.06 -2.81
CA SER B 22 -19.17 3.88 -1.34
C SER B 22 -18.98 2.41 -0.99
N LYS B 23 -19.49 1.52 -1.83
CA LYS B 23 -19.25 0.06 -1.67
C LYS B 23 -17.74 -0.19 -1.58
N MET B 24 -17.02 0.35 -2.53
CA MET B 24 -15.54 0.11 -2.67
C MET B 24 -14.82 0.33 -1.34
N LEU B 25 -15.06 1.46 -0.71
CA LEU B 25 -14.41 1.78 0.60
C LEU B 25 -14.74 0.68 1.62
N ALA B 26 -16.02 0.48 1.83
CA ALA B 26 -16.51 -0.58 2.78
C ALA B 26 -16.15 -1.98 2.29
N SER B 27 -15.66 -2.13 1.08
CA SER B 27 -15.32 -3.47 0.52
C SER B 27 -13.82 -3.73 0.62
N PHE B 28 -13.00 -2.70 0.76
CA PHE B 28 -11.54 -2.91 0.96
C PHE B 28 -11.30 -3.20 2.44
N GLU B 29 -12.12 -2.66 3.31
CA GLU B 29 -12.09 -3.07 4.75
C GLU B 29 -12.26 -4.60 4.81
N LYS B 30 -13.08 -5.10 3.92
CA LYS B 30 -13.34 -6.57 3.79
C LYS B 30 -12.27 -7.27 2.97
N ILE B 31 -11.61 -6.58 2.04
CA ILE B 31 -10.57 -7.22 1.18
C ILE B 31 -9.46 -7.74 2.07
N THR B 32 -8.98 -6.86 2.93
CA THR B 32 -7.80 -7.19 3.75
C THR B 32 -8.18 -7.93 5.04
N THR B 33 -9.07 -7.36 5.83
CA THR B 33 -9.33 -7.87 7.22
C THR B 33 -9.43 -9.40 7.27
N GLU B 34 -10.01 -9.95 6.25
CA GLU B 34 -9.99 -11.44 6.05
C GLU B 34 -8.54 -11.89 5.96
N THR B 35 -7.84 -11.38 4.96
CA THR B 35 -6.40 -11.67 4.80
C THR B 35 -5.62 -11.37 6.08
N VAL B 36 -5.23 -10.14 6.36
CA VAL B 36 -4.35 -9.81 7.54
C VAL B 36 -4.55 -10.74 8.74
N ALA B 37 -5.76 -10.82 9.24
CA ALA B 37 -6.07 -11.70 10.41
C ALA B 37 -5.53 -13.12 10.23
N LYS B 38 -6.05 -13.83 9.26
CA LYS B 38 -5.65 -15.25 9.02
C LYS B 38 -4.68 -15.35 7.84
N GLY B 39 -5.11 -14.80 6.73
CA GLY B 39 -4.39 -14.94 5.44
C GLY B 39 -3.38 -13.82 5.19
N ASP B 40 -3.08 -12.97 6.17
CA ASP B 40 -2.18 -11.77 5.97
C ASP B 40 -1.28 -11.82 4.74
N LYS B 41 -0.28 -12.67 4.79
CA LYS B 41 0.60 -12.99 3.60
C LYS B 41 -0.13 -12.86 2.24
N VAL B 42 0.26 -11.92 1.41
CA VAL B 42 -0.49 -11.67 0.14
C VAL B 42 0.31 -10.81 -0.85
N GLN B 43 -0.13 -10.81 -2.08
CA GLN B 43 0.40 -9.88 -3.12
C GLN B 43 -0.81 -9.40 -3.93
N LEU B 44 -0.89 -8.12 -4.25
CA LEU B 44 -2.12 -7.58 -4.90
C LEU B 44 -1.75 -6.75 -6.15
N THR B 45 -1.60 -7.43 -7.25
CA THR B 45 -1.36 -6.78 -8.58
C THR B 45 -0.30 -5.66 -8.51
N GLY B 46 0.81 -5.95 -7.86
CA GLY B 46 1.97 -5.02 -7.82
C GLY B 46 1.55 -3.69 -7.16
N PHE B 47 0.69 -3.79 -6.18
CA PHE B 47 0.06 -2.63 -5.51
C PHE B 47 0.18 -2.91 -4.00
N LEU B 48 -0.05 -4.14 -3.56
CA LEU B 48 0.02 -4.47 -2.10
C LEU B 48 0.58 -5.89 -1.84
N ASN B 49 1.82 -5.99 -1.40
CA ASN B 49 2.34 -7.31 -0.89
C ASN B 49 2.35 -7.27 0.64
N ILE B 50 1.35 -7.86 1.25
CA ILE B 50 1.19 -7.75 2.74
C ILE B 50 2.07 -8.75 3.49
N LYS B 51 2.68 -8.29 4.57
CA LYS B 51 3.52 -9.16 5.44
C LYS B 51 3.58 -8.52 6.84
N PRO B 52 2.62 -8.87 7.69
CA PRO B 52 2.51 -8.22 9.04
C PRO B 52 3.17 -9.06 10.14
N VAL B 53 2.88 -8.70 11.38
CA VAL B 53 3.55 -9.31 12.57
C VAL B 53 2.72 -9.05 13.83
N ALA B 54 2.96 -9.80 14.90
CA ALA B 54 2.50 -9.46 16.25
C ALA B 54 3.67 -9.10 17.12
N ARG B 55 3.34 -8.69 18.33
CA ARG B 55 4.19 -9.20 19.44
C ARG B 55 3.37 -9.22 20.72
N GLN B 56 2.47 -10.18 20.73
CA GLN B 56 1.78 -10.70 21.96
C GLN B 56 1.64 -9.69 23.09
N ALA B 57 1.33 -10.18 24.27
CA ALA B 57 0.91 -9.30 25.40
C ALA B 57 2.08 -9.03 26.35
N ARG B 58 3.01 -8.19 25.93
CA ARG B 58 4.14 -7.77 26.80
C ARG B 58 3.67 -6.57 27.64
N LYS B 59 2.91 -5.70 27.02
CA LYS B 59 2.29 -4.52 27.72
C LYS B 59 3.23 -3.87 28.73
N GLY B 60 3.87 -2.80 28.33
CA GLY B 60 4.80 -2.04 29.21
C GLY B 60 5.63 -1.08 28.35
N PHE B 61 4.98 -0.08 27.79
CA PHE B 61 5.66 0.87 26.85
C PHE B 61 7.14 1.21 27.08
N ASN B 62 7.48 1.68 28.28
CA ASN B 62 8.58 2.71 28.42
C ASN B 62 8.57 3.38 29.82
N PRO B 63 9.19 4.56 29.90
CA PRO B 63 8.99 5.50 31.02
C PRO B 63 8.79 6.90 30.39
N GLN B 64 7.67 7.08 29.72
CA GLN B 64 7.38 8.33 28.93
C GLN B 64 5.97 8.39 28.30
N THR B 65 5.63 7.47 27.41
CA THR B 65 4.28 7.44 26.73
C THR B 65 3.27 6.65 27.60
N GLN B 66 3.18 7.01 28.85
CA GLN B 66 2.60 6.19 29.98
C GLN B 66 2.09 4.76 29.64
N GLU B 67 2.51 3.78 30.43
CA GLU B 67 2.21 2.31 30.33
C GLU B 67 1.31 1.95 29.16
N ALA B 68 2.00 1.60 28.07
CA ALA B 68 1.34 1.67 26.75
C ALA B 68 2.01 0.91 25.59
N LEU B 69 2.64 1.59 24.64
CA LEU B 69 3.10 0.92 23.38
C LEU B 69 1.89 0.26 22.69
N GLU B 70 2.08 -0.30 21.52
CA GLU B 70 0.98 -0.99 20.78
C GLU B 70 1.28 -2.50 20.78
N ILE B 71 1.29 -3.07 21.96
CA ILE B 71 1.71 -4.49 22.12
C ILE B 71 0.78 -5.28 23.04
N ALA B 72 -0.18 -5.95 22.42
CA ALA B 72 -1.10 -6.88 23.14
C ALA B 72 -2.02 -7.52 22.10
N PRO B 73 -2.41 -6.71 21.13
CA PRO B 73 -2.99 -7.30 19.89
C PRO B 73 -1.98 -7.14 18.74
N SER B 74 -1.00 -8.03 18.67
CA SER B 74 0.03 -7.99 17.60
C SER B 74 0.76 -6.65 17.57
N VAL B 75 1.32 -6.29 16.45
CA VAL B 75 2.16 -5.04 16.37
C VAL B 75 1.80 -4.11 15.19
N GLY B 76 1.66 -4.60 13.98
CA GLY B 76 1.39 -3.70 12.81
C GLY B 76 1.50 -4.51 11.51
N VAL B 77 1.62 -3.82 10.39
CA VAL B 77 1.79 -4.52 9.07
C VAL B 77 3.01 -3.96 8.34
N SER B 78 3.72 -4.81 7.65
CA SER B 78 4.89 -4.40 6.82
C SER B 78 4.58 -4.81 5.38
N VAL B 79 4.54 -3.84 4.49
CA VAL B 79 4.04 -4.10 3.11
C VAL B 79 4.94 -3.43 2.06
N LYS B 80 5.08 -4.10 0.95
CA LYS B 80 5.90 -3.59 -0.20
C LYS B 80 5.07 -3.62 -1.48
N PRO B 81 4.94 -2.47 -2.11
CA PRO B 81 4.42 -2.43 -3.51
C PRO B 81 5.61 -2.28 -4.46
N GLY B 82 5.37 -1.82 -5.67
CA GLY B 82 6.51 -1.55 -6.62
C GLY B 82 6.06 -1.67 -8.08
N GLU B 83 6.92 -2.23 -8.90
CA GLU B 83 6.78 -2.38 -10.38
C GLU B 83 6.11 -1.16 -11.02
N SER B 84 4.81 -1.11 -10.90
CA SER B 84 4.01 0.06 -11.40
C SER B 84 4.41 1.28 -10.58
N LEU B 85 4.09 1.25 -9.30
CA LEU B 85 4.46 2.34 -8.35
C LEU B 85 5.95 2.67 -8.46
N LYS B 86 6.78 1.66 -8.48
CA LYS B 86 8.27 1.85 -8.59
C LYS B 86 8.63 2.82 -9.71
N LYS B 87 8.32 2.46 -10.94
CA LYS B 87 8.60 3.32 -12.14
C LYS B 87 8.07 4.74 -11.91
N ALA B 88 7.01 4.86 -11.14
CA ALA B 88 6.37 6.17 -10.88
C ALA B 88 7.31 7.11 -10.09
N ALA B 89 7.71 6.71 -8.90
CA ALA B 89 8.59 7.55 -8.01
C ALA B 89 9.90 7.95 -8.67
N GLU B 90 10.25 7.35 -9.80
CA GLU B 90 11.50 7.68 -10.53
C GLU B 90 11.72 9.19 -10.67
N GLY B 91 10.92 9.84 -11.50
CA GLY B 91 11.26 11.21 -12.00
C GLY B 91 10.42 12.40 -11.50
N LEU B 92 9.45 12.29 -10.61
CA LEU B 92 8.51 13.44 -10.39
C LEU B 92 8.63 14.18 -9.05
N LYS B 93 8.83 13.52 -7.93
CA LYS B 93 9.13 14.24 -6.66
C LYS B 93 10.61 13.93 -6.33
N TYR B 94 11.28 13.34 -7.29
CA TYR B 94 12.50 12.55 -7.05
C TYR B 94 13.77 13.42 -7.00
N GLU B 95 13.83 14.47 -7.75
CA GLU B 95 15.13 15.24 -7.77
C GLU B 95 15.36 15.86 -6.38
N ASP B 96 14.36 15.86 -5.51
CA ASP B 96 14.52 16.24 -4.06
C ASP B 96 14.93 15.04 -3.19
N PHE B 97 15.25 13.94 -3.83
CA PHE B 97 15.40 12.64 -3.14
C PHE B 97 16.86 12.15 -3.12
N ALA B 98 17.64 12.52 -4.09
CA ALA B 98 19.09 12.14 -4.11
C ALA B 98 19.96 13.38 -3.87
N LYS B 99 19.62 14.48 -4.51
CA LYS B 99 20.38 15.76 -4.34
C LYS B 99 21.83 15.58 -4.80
#